data_1G2R
#
_entry.id   1G2R
#
_cell.length_a   28.050
_cell.length_b   48.750
_cell.length_c   73.690
_cell.angle_alpha   90.00
_cell.angle_beta   90.00
_cell.angle_gamma   90.00
#
_symmetry.space_group_name_H-M   'P 21 21 21'
#
loop_
_entity.id
_entity.type
_entity.pdbx_description
1 polymer 'HYPOTHETICAL CYTOSOLIC PROTEIN'
2 non-polymer 'SULFATE ION'
3 water water
#
_entity_poly.entity_id   1
_entity_poly.type   'polypeptide(L)'
_entity_poly.pdbx_seq_one_letter_code
;GSHMKTRKIPLRKSVVSNEVIDKRDLLRIVKNKEGQVFIDPTGKANGRGAYIKLDNAEALEAKKKKVFNRSFSMEVEESF
YDELIAYVDHKVKRRELGLE
;
_entity_poly.pdbx_strand_id   A
#
# COMPACT_ATOMS: atom_id res chain seq x y z
N ARG A 7 -7.63 -21.02 -3.84
CA ARG A 7 -7.83 -20.39 -2.48
C ARG A 7 -8.93 -19.37 -2.37
N LYS A 8 -9.40 -18.95 -3.55
CA LYS A 8 -10.50 -17.98 -3.68
C LYS A 8 -10.24 -16.80 -2.79
N ILE A 9 -9.04 -16.23 -3.06
N ILE A 9 -9.04 -16.25 -3.04
CA ILE A 9 -8.62 -15.17 -2.21
CA ILE A 9 -8.56 -15.13 -2.27
C ILE A 9 -9.39 -13.91 -2.62
C ILE A 9 -9.40 -13.90 -2.65
N PRO A 10 -9.98 -13.30 -1.61
CA PRO A 10 -10.66 -12.02 -1.79
C PRO A 10 -9.68 -11.01 -2.36
N LEU A 11 -10.20 -10.26 -3.32
CA LEU A 11 -9.50 -9.14 -3.94
C LEU A 11 -10.01 -7.84 -3.31
N ARG A 12 -9.06 -7.03 -2.84
CA ARG A 12 -9.41 -5.82 -2.15
C ARG A 12 -9.45 -4.61 -3.06
N LYS A 13 -10.04 -3.53 -2.55
CA LYS A 13 -10.14 -2.29 -3.33
C LYS A 13 -9.07 -1.29 -2.95
N SER A 14 -8.50 -0.63 -3.94
CA SER A 14 -7.49 0.37 -3.72
C SER A 14 -8.10 1.65 -3.13
N VAL A 15 -7.44 2.20 -2.10
CA VAL A 15 -7.89 3.49 -1.56
C VAL A 15 -7.48 4.64 -2.48
N VAL A 16 -6.55 4.38 -3.40
CA VAL A 16 -6.13 5.38 -4.33
C VAL A 16 -7.05 5.46 -5.57
N SER A 17 -7.32 4.33 -6.22
CA SER A 17 -8.04 4.31 -7.47
C SER A 17 -9.46 3.87 -7.34
N ASN A 18 -9.82 3.27 -6.20
CA ASN A 18 -11.12 2.64 -6.03
C ASN A 18 -11.32 1.46 -6.94
N GLU A 19 -10.29 0.84 -7.47
CA GLU A 19 -10.37 -0.32 -8.30
C GLU A 19 -10.05 -1.61 -7.52
N VAL A 20 -10.54 -2.72 -8.06
CA VAL A 20 -10.21 -4.04 -7.50
C VAL A 20 -8.74 -4.31 -7.83
N ILE A 21 -8.02 -4.79 -6.85
CA ILE A 21 -6.60 -5.09 -6.95
C ILE A 21 -6.33 -6.56 -7.21
N ASP A 22 -5.55 -6.89 -8.25
CA ASP A 22 -5.14 -8.29 -8.47
C ASP A 22 -4.39 -8.80 -7.24
N LYS A 23 -4.54 -10.10 -6.89
CA LYS A 23 -3.85 -10.67 -5.77
C LYS A 23 -2.37 -10.42 -5.78
N ARG A 24 -1.73 -10.58 -6.96
CA ARG A 24 -0.28 -10.37 -7.10
CA ARG A 24 -0.27 -10.40 -6.92
C ARG A 24 0.12 -8.95 -6.77
N ASP A 25 -0.77 -7.98 -6.91
CA ASP A 25 -0.50 -6.57 -6.78
C ASP A 25 -0.89 -5.99 -5.43
N LEU A 26 -1.41 -6.80 -4.52
CA LEU A 26 -1.88 -6.25 -3.28
C LEU A 26 -0.79 -5.76 -2.33
N LEU A 27 -0.96 -4.54 -1.86
CA LEU A 27 -0.04 -4.02 -0.85
C LEU A 27 -0.85 -3.39 0.28
N ARG A 28 -0.55 -3.85 1.52
CA ARG A 28 -1.21 -3.35 2.71
C ARG A 28 -0.37 -2.31 3.47
N ILE A 29 -1.03 -1.20 3.82
CA ILE A 29 -0.47 -0.16 4.70
C ILE A 29 -1.29 -0.17 6.00
N VAL A 30 -0.63 -0.19 7.14
CA VAL A 30 -1.32 -0.33 8.42
C VAL A 30 -1.07 0.86 9.32
N LYS A 31 -2.08 1.29 10.04
CA LYS A 31 -1.97 2.29 11.11
C LYS A 31 -2.35 1.65 12.42
N ASN A 32 -1.45 1.67 13.42
CA ASN A 32 -1.72 1.09 14.73
C ASN A 32 -2.35 2.15 15.62
N LYS A 33 -2.68 1.75 16.86
CA LYS A 33 -3.33 2.62 17.84
C LYS A 33 -2.45 3.72 18.40
N GLU A 34 -1.14 3.47 18.23
CA GLU A 34 -0.11 4.42 18.66
C GLU A 34 0.15 5.47 17.63
N GLY A 35 -0.58 5.46 16.49
CA GLY A 35 -0.44 6.44 15.43
C GLY A 35 0.72 6.19 14.50
N GLN A 36 1.28 4.99 14.52
CA GLN A 36 2.36 4.63 13.60
C GLN A 36 1.77 4.03 12.33
N VAL A 37 2.36 4.38 11.20
CA VAL A 37 1.88 3.90 9.91
C VAL A 37 3.05 3.17 9.26
N PHE A 38 2.81 1.96 8.75
CA PHE A 38 3.91 1.20 8.14
C PHE A 38 3.35 0.29 7.05
N ILE A 39 4.30 -0.17 6.22
CA ILE A 39 3.98 -1.09 5.17
C ILE A 39 3.94 -2.48 5.76
N ASP A 40 2.98 -3.31 5.45
CA ASP A 40 2.85 -4.67 5.99
C ASP A 40 2.87 -5.68 4.85
N PRO A 41 4.07 -6.06 4.40
CA PRO A 41 4.20 -7.01 3.31
C PRO A 41 3.59 -8.38 3.54
N THR A 42 3.40 -8.89 4.76
CA THR A 42 2.79 -10.21 4.92
CA THR A 42 2.78 -10.21 4.89
C THR A 42 1.28 -10.23 5.04
N GLY A 43 0.68 -9.07 5.33
CA GLY A 43 -0.74 -8.89 5.54
C GLY A 43 -1.28 -9.41 6.85
N LYS A 44 -0.42 -9.78 7.78
CA LYS A 44 -0.77 -10.44 9.04
C LYS A 44 -0.71 -9.46 10.21
N ALA A 45 -0.41 -8.20 9.99
CA ALA A 45 -0.36 -7.25 11.11
C ALA A 45 -1.73 -6.79 11.57
N ASN A 46 -1.83 -6.43 12.83
CA ASN A 46 -2.91 -5.82 13.52
C ASN A 46 -2.77 -4.27 13.41
N GLY A 47 -3.90 -3.69 13.46
CA GLY A 47 -3.97 -2.22 13.29
C GLY A 47 -5.02 -2.11 12.18
N ARG A 48 -5.24 -0.89 11.72
CA ARG A 48 -6.20 -0.58 10.68
C ARG A 48 -5.48 -0.67 9.32
N GLY A 49 -5.98 -1.42 8.35
CA GLY A 49 -5.38 -1.62 7.05
C GLY A 49 -6.01 -0.77 5.96
N ALA A 50 -5.20 -0.35 5.00
CA ALA A 50 -5.61 0.35 3.78
C ALA A 50 -4.80 -0.24 2.66
N TYR A 51 -5.37 -0.50 1.49
CA TYR A 51 -4.71 -1.21 0.41
C TYR A 51 -4.51 -0.32 -0.82
N ILE A 52 -3.39 -0.58 -1.48
CA ILE A 52 -3.11 0.00 -2.77
C ILE A 52 -2.56 -1.09 -3.69
N LYS A 53 -2.53 -0.79 -5.01
CA LYS A 53 -1.80 -1.64 -5.92
C LYS A 53 -0.30 -1.39 -5.78
N LEU A 54 0.48 -2.45 -6.02
CA LEU A 54 1.94 -2.34 -6.08
CA LEU A 54 1.93 -2.39 -6.11
C LEU A 54 2.26 -1.79 -7.47
N ASP A 55 2.12 -0.48 -7.60
CA ASP A 55 2.15 0.25 -8.83
C ASP A 55 2.67 1.65 -8.56
N ASN A 56 3.63 2.12 -9.37
CA ASN A 56 4.25 3.42 -9.16
C ASN A 56 3.24 4.57 -9.26
N ALA A 57 2.27 4.45 -10.18
CA ALA A 57 1.28 5.50 -10.27
C ALA A 57 0.46 5.62 -8.99
N GLU A 58 0.06 4.48 -8.41
CA GLU A 58 -0.72 4.51 -7.17
C GLU A 58 0.11 5.01 -5.99
N ALA A 59 1.38 4.63 -5.90
CA ALA A 59 2.20 5.16 -4.80
C ALA A 59 2.33 6.68 -4.91
N LEU A 60 2.55 7.20 -6.13
CA LEU A 60 2.63 8.62 -6.31
C LEU A 60 1.34 9.34 -5.96
N GLU A 61 0.23 8.78 -6.45
CA GLU A 61 -1.08 9.40 -6.16
C GLU A 61 -1.36 9.34 -4.68
N ALA A 62 -0.95 8.29 -3.96
CA ALA A 62 -1.15 8.22 -2.53
C ALA A 62 -0.54 9.45 -1.85
N LYS A 63 0.67 9.82 -2.27
CA LYS A 63 1.31 11.01 -1.70
C LYS A 63 0.65 12.30 -2.16
N LYS A 64 0.30 12.36 -3.46
CA LYS A 64 -0.25 13.63 -3.97
C LYS A 64 -1.54 14.01 -3.28
N LYS A 65 -2.35 12.95 -2.98
CA LYS A 65 -3.64 13.11 -2.36
C LYS A 65 -3.66 12.86 -0.86
N LYS A 66 -2.51 12.54 -0.28
CA LYS A 66 -2.37 12.21 1.15
C LYS A 66 -3.48 11.23 1.50
N VAL A 67 -3.58 10.14 0.73
CA VAL A 67 -4.77 9.29 0.82
C VAL A 67 -4.93 8.62 2.16
N PHE A 68 -3.82 8.29 2.86
CA PHE A 68 -3.97 7.58 4.13
C PHE A 68 -4.37 8.53 5.25
N ASN A 69 -4.18 9.83 5.05
CA ASN A 69 -4.56 10.78 6.11
C ASN A 69 -6.05 10.69 6.39
N ARG A 70 -6.71 10.66 5.22
CA ARG A 70 -8.10 10.46 5.11
C ARG A 70 -8.54 9.12 5.66
N SER A 71 -7.93 8.03 5.22
CA SER A 71 -8.28 6.70 5.71
C SER A 71 -8.12 6.53 7.22
N PHE A 72 -7.05 7.10 7.78
CA PHE A 72 -6.60 6.89 9.14
C PHE A 72 -6.90 8.03 10.12
N SER A 73 -7.54 9.05 9.61
CA SER A 73 -7.90 10.21 10.44
C SER A 73 -6.71 10.78 11.19
N MET A 74 -5.61 11.01 10.46
CA MET A 74 -4.41 11.59 11.05
C MET A 74 -3.53 12.20 9.96
N GLU A 75 -2.61 13.05 10.33
CA GLU A 75 -1.61 13.60 9.42
C GLU A 75 -0.42 12.64 9.33
N VAL A 76 -0.39 11.81 8.33
CA VAL A 76 0.68 10.84 8.08
C VAL A 76 1.90 11.64 7.66
N GLU A 77 3.07 11.27 8.15
CA GLU A 77 4.34 11.97 7.84
C GLU A 77 4.70 11.87 6.39
N GLU A 78 5.22 12.96 5.81
CA GLU A 78 5.70 12.93 4.44
C GLU A 78 6.74 11.86 4.26
N SER A 79 7.62 11.64 5.25
CA SER A 79 8.58 10.55 5.15
C SER A 79 7.92 9.20 4.87
N PHE A 80 6.76 8.92 5.43
CA PHE A 80 6.12 7.65 5.10
C PHE A 80 5.72 7.58 3.62
N TYR A 81 5.10 8.64 3.11
CA TYR A 81 4.74 8.65 1.69
C TYR A 81 5.98 8.45 0.81
N ASP A 82 7.11 9.07 1.17
CA ASP A 82 8.31 8.91 0.40
C ASP A 82 8.88 7.51 0.51
N GLU A 83 8.74 6.90 1.71
CA GLU A 83 9.15 5.52 1.92
C GLU A 83 8.30 4.60 1.00
N LEU A 84 6.99 4.83 0.98
CA LEU A 84 6.12 3.97 0.14
C LEU A 84 6.47 4.11 -1.33
N ILE A 85 6.76 5.30 -1.80
CA ILE A 85 7.19 5.51 -3.20
C ILE A 85 8.43 4.71 -3.49
N ALA A 86 9.42 4.79 -2.57
CA ALA A 86 10.66 4.09 -2.80
C ALA A 86 10.49 2.60 -2.74
N TYR A 87 9.65 2.13 -1.81
CA TYR A 87 9.35 0.71 -1.64
C TYR A 87 8.73 0.14 -2.93
N VAL A 88 7.71 0.83 -3.40
CA VAL A 88 7.01 0.40 -4.61
C VAL A 88 7.91 0.43 -5.81
N ASP A 89 8.71 1.50 -5.96
CA ASP A 89 9.61 1.65 -7.10
C ASP A 89 10.56 0.45 -7.13
N HIS A 90 11.13 0.09 -5.97
CA HIS A 90 12.08 -1.02 -5.92
C HIS A 90 11.41 -2.35 -6.25
N LYS A 91 10.22 -2.59 -5.68
CA LYS A 91 9.51 -3.84 -5.91
C LYS A 91 9.03 -3.97 -7.36
N VAL A 92 8.55 -2.87 -7.95
CA VAL A 92 8.12 -2.91 -9.37
C VAL A 92 9.31 -3.18 -10.27
N LYS A 93 10.46 -2.59 -9.96
CA LYS A 93 11.66 -2.88 -10.77
C LYS A 93 12.02 -4.35 -10.67
N ARG A 94 12.02 -4.93 -9.45
CA ARG A 94 12.33 -6.35 -9.33
C ARG A 94 11.34 -7.21 -10.09
N ARG A 95 10.06 -6.87 -10.03
CA ARG A 95 9.07 -7.67 -10.75
C ARG A 95 9.22 -7.59 -12.25
N GLU A 96 9.56 -6.40 -12.76
CA GLU A 96 9.73 -6.21 -14.21
C GLU A 96 10.93 -6.98 -14.69
N LEU A 97 11.95 -7.15 -13.84
CA LEU A 97 13.13 -7.92 -14.21
C LEU A 97 12.93 -9.39 -13.93
N GLY A 98 11.75 -9.81 -13.45
CA GLY A 98 11.50 -11.19 -13.16
C GLY A 98 12.23 -11.73 -11.96
N LEU A 99 12.64 -10.88 -11.01
CA LEU A 99 13.34 -11.33 -9.82
C LEU A 99 12.39 -11.82 -8.75
N GLU A 100 11.13 -11.43 -8.83
CA GLU A 100 10.07 -11.91 -7.97
C GLU A 100 8.75 -11.67 -8.70
#